data_6IQG
#
_entry.id   6IQG
#
_cell.length_a   66.062
_cell.length_b   60.507
_cell.length_c   69.526
_cell.angle_alpha   90.00
_cell.angle_beta   101.25
_cell.angle_gamma   90.00
#
_symmetry.space_group_name_H-M   'P 1 21 1'
#
loop_
_entity.id
_entity.type
_entity.pdbx_description
1 polymer 'Immunoglobulin gamma-1 heavy chain'
2 polymer '18-mer peptide G(HCS)DCAYHRGELVWCT(HCS)H(NH2)'
3 branched 2-acetamido-2-deoxy-beta-D-glucopyranose-(1-2)-alpha-D-mannopyranose-(1-3)-[2-acetamido-2-deoxy-beta-D-glucopyranose-(1-2)-alpha-D-mannopyranose-(1-6)]beta-D-mannopyranose-(1-4)-2-acetamido-2-deoxy-beta-D-glucopyranose-(1-4)-[alpha-L-fucopyranose-(1-6)]2-acetamido-2-deoxy-beta-D-glucopyranose
4 non-polymer 'CHLORIDE ION'
5 water water
#
loop_
_entity_poly.entity_id
_entity_poly.type
_entity_poly.pdbx_seq_one_letter_code
_entity_poly.pdbx_strand_id
1 'polypeptide(L)'
;GGPSVFLFPPKPKDTLMISRTPEVTCVVVDVSHEDPEVKFNWYVDGVEVHNAKTKPREEQYNSTYRVVSVLTVLHQDWLN
GKEYKCKVSNKALPAPIEKTISKAKGQPREPQVYTLPPSRDELTKNQVSLTCLVKGFYPSDIAVEWESNGQPENNYKTTP
PVLDSDGSFFLYSKLTVDKSRWQQGNVFSCSVMHEALHNHYTQKSLSLSP
;
A,B
2 'polypeptide(L)' G(HCS)DCAYHRGELVWCT(HCS)H(NH2) C,D
#
loop_
_chem_comp.id
_chem_comp.type
_chem_comp.name
_chem_comp.formula
BMA D-saccharide, beta linking beta-D-mannopyranose 'C6 H12 O6'
CL non-polymer 'CHLORIDE ION' 'Cl -1'
FUC L-saccharide, alpha linking alpha-L-fucopyranose 'C6 H12 O5'
MAN D-saccharide, alpha linking alpha-D-mannopyranose 'C6 H12 O6'
NAG D-saccharide, beta linking 2-acetamido-2-deoxy-beta-D-glucopyranose 'C8 H15 N O6'
NH2 non-polymer 'AMINO GROUP' 'H2 N'
#
# COMPACT_ATOMS: atom_id res chain seq x y z
N GLY A 2 23.19 19.35 10.58
CA GLY A 2 22.21 19.64 11.63
C GLY A 2 21.07 18.62 11.85
N PRO A 3 20.54 18.54 13.09
CA PRO A 3 19.51 17.57 13.53
C PRO A 3 18.26 17.60 12.69
N SER A 4 17.40 16.60 12.85
CA SER A 4 16.16 16.56 12.09
C SER A 4 14.97 16.39 13.05
N VAL A 5 13.78 16.74 12.56
CA VAL A 5 12.55 16.82 13.37
C VAL A 5 11.32 16.31 12.64
N PHE A 6 10.68 15.30 13.21
CA PHE A 6 9.53 14.68 12.57
C PHE A 6 8.29 14.84 13.42
N LEU A 7 7.24 15.40 12.84
CA LEU A 7 6.01 15.68 13.59
C LEU A 7 4.88 14.67 13.28
N PHE A 8 4.46 13.89 14.29
CA PHE A 8 3.50 12.82 14.07
C PHE A 8 2.07 13.06 14.57
N PRO A 9 1.08 12.64 13.80
CA PRO A 9 -0.30 12.85 14.21
C PRO A 9 -0.70 11.91 15.33
N PRO A 10 -1.75 12.24 16.07
CA PRO A 10 -2.19 11.32 17.11
C PRO A 10 -2.80 10.10 16.48
N LYS A 11 -2.83 8.99 17.21
CA LYS A 11 -3.40 7.74 16.69
C LYS A 11 -4.93 7.84 16.48
N PRO A 12 -5.42 7.38 15.33
CA PRO A 12 -6.83 7.53 15.01
C PRO A 12 -7.80 6.99 16.09
N LYS A 13 -7.55 5.81 16.63
CA LYS A 13 -8.42 5.35 17.68
C LYS A 13 -8.34 6.33 18.84
N ASP A 14 -7.25 7.07 18.99
CA ASP A 14 -7.19 8.04 20.08
C ASP A 14 -8.02 9.34 19.83
N THR A 15 -8.01 9.87 18.61
CA THR A 15 -8.86 11.03 18.37
C THR A 15 -10.32 10.60 18.33
N LEU A 16 -10.58 9.37 17.94
CA LEU A 16 -11.96 8.99 17.61
C LEU A 16 -12.78 8.50 18.80
N MET A 17 -12.13 7.99 19.83
CA MET A 17 -12.80 7.42 21.00
C MET A 17 -12.69 8.34 22.16
N ILE A 18 -13.82 8.66 22.75
CA ILE A 18 -13.80 9.61 23.83
C ILE A 18 -13.06 9.07 25.03
N SER A 19 -12.97 7.75 25.14
CA SER A 19 -12.36 7.12 26.29
C SER A 19 -10.87 7.24 26.21
N ARG A 20 -10.35 7.59 25.02
CA ARG A 20 -8.90 7.68 24.80
C ARG A 20 -8.37 9.12 24.63
N THR A 21 -7.13 9.32 25.05
CA THR A 21 -6.47 10.62 24.98
C THR A 21 -5.40 10.87 23.91
N PRO A 22 -5.80 11.42 22.75
CA PRO A 22 -4.95 11.71 21.58
C PRO A 22 -3.78 12.62 21.88
N GLU A 23 -2.62 12.41 21.26
CA GLU A 23 -1.50 13.33 21.43
C GLU A 23 -0.59 13.45 20.19
N VAL A 24 -0.31 14.68 19.83
CA VAL A 24 0.68 15.03 18.82
C VAL A 24 2.14 14.82 19.31
N THR A 25 2.92 14.01 18.61
CA THR A 25 4.29 13.76 19.06
C THR A 25 5.39 14.42 18.18
N CYS A 26 6.23 15.23 18.81
CA CYS A 26 7.29 15.93 18.10
C CYS A 26 8.60 15.27 18.41
N VAL A 27 9.31 14.85 17.35
CA VAL A 27 10.51 14.00 17.51
C VAL A 27 11.74 14.64 16.90
N VAL A 28 12.82 14.71 17.66
CA VAL A 28 14.07 15.32 17.19
C VAL A 28 15.26 14.39 17.23
N VAL A 29 15.68 13.89 16.09
CA VAL A 29 16.82 12.97 16.05
C VAL A 29 18.14 13.62 15.63
N ASP A 30 19.20 12.82 15.61
CA ASP A 30 20.52 13.33 15.27
C ASP A 30 20.98 14.43 16.24
N VAL A 31 20.53 14.33 17.49
CA VAL A 31 20.91 15.27 18.52
C VAL A 31 22.30 14.87 19.01
N SER A 32 23.20 15.83 18.98
CA SER A 32 24.61 15.54 19.06
C SER A 32 25.02 15.15 20.45
N HIS A 33 26.02 14.29 20.52
CA HIS A 33 26.58 13.85 21.80
C HIS A 33 27.12 15.08 22.61
N GLU A 34 27.16 16.29 22.03
CA GLU A 34 27.88 17.48 22.62
C GLU A 34 27.12 18.82 22.67
N ASP A 35 25.90 18.86 22.14
CA ASP A 35 24.93 19.94 22.38
C ASP A 35 23.52 19.38 22.41
N PRO A 36 23.20 18.62 23.45
CA PRO A 36 21.95 17.87 23.46
C PRO A 36 20.79 18.68 24.06
N GLU A 37 21.05 19.96 24.31
CA GLU A 37 20.03 20.82 24.87
C GLU A 37 19.07 21.28 23.77
N VAL A 38 17.81 20.85 23.89
CA VAL A 38 16.73 21.17 22.96
C VAL A 38 15.61 21.99 23.62
N LYS A 39 15.22 23.10 23.02
CA LYS A 39 14.16 23.93 23.55
C LYS A 39 12.98 23.71 22.65
N PHE A 40 11.77 23.64 23.22
CA PHE A 40 10.53 23.51 22.44
C PHE A 40 9.57 24.69 22.62
N ASN A 41 8.90 25.11 21.54
CA ASN A 41 7.84 26.12 21.64
C ASN A 41 6.62 25.60 20.93
N TRP A 42 5.55 25.27 21.64
CA TRP A 42 4.40 24.68 20.97
C TRP A 42 3.34 25.73 20.66
N TYR A 43 2.60 25.56 19.58
CA TYR A 43 1.57 26.54 19.22
C TYR A 43 0.36 25.88 18.64
N VAL A 44 -0.79 26.51 18.82
CA VAL A 44 -2.00 25.95 18.25
C VAL A 44 -2.67 27.03 17.37
N ASP A 45 -2.31 27.06 16.09
CA ASP A 45 -2.86 28.11 15.24
C ASP A 45 -2.20 29.43 15.51
N GLY A 46 -0.91 29.38 15.79
CA GLY A 46 -0.15 30.58 16.04
C GLY A 46 -0.20 30.90 17.52
N VAL A 47 -1.18 30.33 18.23
CA VAL A 47 -1.30 30.61 19.65
C VAL A 47 -0.39 29.65 20.41
N GLU A 48 0.39 30.17 21.36
CA GLU A 48 1.37 29.33 22.05
C GLU A 48 0.73 28.64 23.20
N VAL A 49 1.16 27.43 23.47
CA VAL A 49 0.59 26.72 24.59
C VAL A 49 1.75 26.11 25.38
N HIS A 50 1.60 26.10 26.70
CA HIS A 50 2.68 25.70 27.59
C HIS A 50 2.37 24.50 28.48
N ASN A 51 1.68 23.50 27.95
CA ASN A 51 1.36 22.34 28.78
C ASN A 51 1.92 21.07 28.22
N ALA A 52 3.08 21.17 27.59
CA ALA A 52 3.63 20.03 26.87
C ALA A 52 4.55 19.27 27.80
N LYS A 53 4.81 17.99 27.48
CA LYS A 53 5.62 17.09 28.32
C LYS A 53 6.79 16.52 27.51
N THR A 54 7.95 16.39 28.14
CA THR A 54 9.12 15.83 27.48
C THR A 54 9.44 14.39 27.95
N LYS A 55 9.42 13.47 26.99
CA LYS A 55 9.68 12.07 27.24
C LYS A 55 11.16 11.88 27.57
N PRO A 56 11.52 10.87 28.36
CA PRO A 56 12.92 10.78 28.78
C PRO A 56 13.86 10.49 27.65
N ARG A 57 15.05 11.05 27.77
CA ARG A 57 16.08 11.03 26.73
C ARG A 57 16.47 9.63 26.41
N GLU A 58 16.44 9.26 25.14
CA GLU A 58 16.95 7.96 24.73
C GLU A 58 18.26 8.05 23.91
N GLU A 59 19.32 7.45 24.44
CA GLU A 59 20.60 7.34 23.73
C GLU A 59 20.48 6.20 22.70
N GLN A 60 20.76 6.46 21.42
CA GLN A 60 20.48 5.52 20.32
C GLN A 60 21.59 4.54 20.00
N TYR A 61 22.76 4.81 20.59
CA TYR A 61 23.91 3.91 20.48
C TYR A 61 24.57 4.09 19.13
N ASN A 62 23.99 4.91 18.28
CA ASN A 62 24.69 5.36 17.10
C ASN A 62 25.21 6.77 17.30
N SER A 63 25.60 7.12 18.52
CA SER A 63 26.27 8.43 18.74
C SER A 63 25.36 9.64 18.86
N THR A 64 24.05 9.42 18.70
CA THR A 64 23.12 10.51 18.80
C THR A 64 22.01 10.27 19.78
N TYR A 65 21.41 11.39 20.19
CA TYR A 65 20.24 11.36 21.04
C TYR A 65 18.96 11.63 20.30
N ARG A 66 17.94 10.87 20.71
CA ARG A 66 16.58 11.03 20.27
C ARG A 66 15.80 11.68 21.39
N VAL A 67 15.44 12.94 21.15
CA VAL A 67 14.69 13.82 22.06
C VAL A 67 13.24 14.04 21.64
N VAL A 68 12.26 13.67 22.47
CA VAL A 68 10.83 13.73 22.08
C VAL A 68 9.92 14.58 23.02
N SER A 69 9.13 15.51 22.48
CA SER A 69 8.18 16.22 23.35
C SER A 69 6.81 15.97 22.84
N VAL A 70 5.97 15.48 23.74
CA VAL A 70 4.59 15.14 23.42
C VAL A 70 3.59 16.20 23.94
N LEU A 71 2.59 16.51 23.11
CA LEU A 71 1.50 17.40 23.49
C LEU A 71 0.10 16.79 23.30
N THR A 72 -0.59 16.59 24.41
CA THR A 72 -2.02 16.23 24.41
C THR A 72 -2.85 17.17 23.52
N VAL A 73 -3.78 16.63 22.74
CA VAL A 73 -4.70 17.52 22.04
C VAL A 73 -6.12 17.11 22.34
N LEU A 74 -7.01 18.08 22.31
CA LEU A 74 -8.44 17.83 22.52
C LEU A 74 -9.14 17.17 21.32
N HIS A 75 -9.87 16.09 21.57
CA HIS A 75 -10.63 15.43 20.51
C HIS A 75 -11.35 16.42 19.61
N GLN A 76 -11.94 17.47 20.19
CA GLN A 76 -12.74 18.44 19.46
C GLN A 76 -11.88 19.45 18.68
N ASP A 77 -10.72 19.83 19.22
CA ASP A 77 -9.75 20.74 18.55
C ASP A 77 -9.12 20.13 17.29
N TRP A 78 -8.86 18.82 17.34
CA TRP A 78 -8.17 18.08 16.28
C TRP A 78 -9.10 17.69 15.14
N LEU A 79 -10.31 17.31 15.48
CA LEU A 79 -11.29 17.04 14.42
C LEU A 79 -11.70 18.33 13.65
N ASN A 80 -11.88 19.43 14.39
CA ASN A 80 -12.23 20.69 13.76
C ASN A 80 -11.14 21.18 12.82
N GLY A 81 -9.88 20.88 13.14
CA GLY A 81 -8.80 21.04 12.19
C GLY A 81 -7.69 21.95 12.65
N LYS A 82 -7.60 22.17 13.96
CA LYS A 82 -6.60 23.08 14.51
C LYS A 82 -5.16 22.67 14.20
N GLU A 83 -4.35 23.59 13.66
CA GLU A 83 -3.01 23.22 13.21
C GLU A 83 -2.04 23.23 14.37
N TYR A 84 -1.19 22.23 14.42
CA TYR A 84 -0.20 22.09 15.49
C TYR A 84 1.23 22.25 14.92
N LYS A 85 1.99 23.12 15.56
CA LYS A 85 3.29 23.57 15.01
C LYS A 85 4.32 23.41 16.08
N CYS A 86 5.29 22.54 15.84
CA CYS A 86 6.37 22.29 16.77
C CYS A 86 7.57 23.09 16.32
N LYS A 87 8.39 23.56 17.26
CA LYS A 87 9.51 24.44 16.94
C LYS A 87 10.73 24.01 17.77
N VAL A 88 11.75 23.55 17.05
CA VAL A 88 12.90 22.96 17.66
C VAL A 88 14.10 23.87 17.50
N SER A 89 14.75 24.21 18.60
CA SER A 89 15.97 25.04 18.58
C SER A 89 17.15 24.27 19.15
N ASN A 90 18.36 24.62 18.74
CA ASN A 90 19.50 23.89 19.26
C ASN A 90 20.79 24.52 18.79
N LYS A 91 21.72 24.72 19.71
CA LYS A 91 22.95 25.37 19.35
C LYS A 91 23.53 24.79 18.06
N ALA A 92 23.26 23.52 17.78
CA ALA A 92 23.85 22.90 16.60
C ALA A 92 22.97 23.08 15.35
N LEU A 93 22.07 24.03 15.42
CA LEU A 93 21.06 24.17 14.42
C LEU A 93 20.82 25.64 14.21
N PRO A 94 21.35 26.17 13.10
CA PRO A 94 21.24 27.61 12.85
C PRO A 94 19.88 28.08 13.33
N ALA A 95 19.02 28.43 12.38
CA ALA A 95 17.68 28.85 12.76
C ALA A 95 16.85 27.68 13.26
N PRO A 96 16.17 27.89 14.38
CA PRO A 96 15.13 26.97 14.82
C PRO A 96 14.41 26.28 13.64
N ILE A 97 13.86 25.06 13.83
CA ILE A 97 13.08 24.31 12.82
C ILE A 97 11.62 24.19 13.21
N GLU A 98 10.71 24.43 12.28
CA GLU A 98 9.30 24.37 12.57
C GLU A 98 8.60 23.42 11.68
N LYS A 99 7.70 22.61 12.23
CA LYS A 99 6.89 21.61 11.49
C LYS A 99 5.44 21.70 11.98
N THR A 100 4.50 21.30 11.14
CA THR A 100 3.07 21.50 11.41
C THR A 100 2.21 20.33 10.90
N ILE A 101 1.34 19.80 11.75
CA ILE A 101 0.36 18.79 11.30
C ILE A 101 -1.07 19.19 11.68
N SER A 102 -2.04 18.47 11.10
CA SER A 102 -3.44 18.70 11.38
C SER A 102 -4.36 17.78 10.55
N LYS A 103 -5.52 17.48 11.11
CA LYS A 103 -6.50 16.73 10.36
C LYS A 103 -6.45 17.13 8.89
N ALA A 104 -6.19 16.15 8.03
CA ALA A 104 -6.28 16.32 6.59
C ALA A 104 -7.41 17.24 6.22
N LYS A 105 -7.10 18.20 5.36
CA LYS A 105 -8.08 19.17 4.96
C LYS A 105 -8.99 18.57 3.91
N GLY A 106 -10.26 18.92 3.92
CA GLY A 106 -11.17 18.37 2.95
C GLY A 106 -12.40 17.88 3.65
N GLN A 107 -13.56 18.11 3.03
CA GLN A 107 -14.81 17.69 3.62
C GLN A 107 -14.74 16.24 3.95
N PRO A 108 -14.97 15.93 5.22
CA PRO A 108 -15.08 14.55 5.66
C PRO A 108 -16.22 13.86 4.96
N ARG A 109 -15.97 12.69 4.39
CA ARG A 109 -17.02 11.90 3.79
C ARG A 109 -17.22 10.56 4.51
N GLU A 110 -18.45 10.30 4.96
CA GLU A 110 -18.80 9.07 5.68
C GLU A 110 -18.66 7.83 4.76
N PRO A 111 -18.01 6.74 5.27
CA PRO A 111 -17.79 5.46 4.61
C PRO A 111 -19.02 4.59 4.53
N GLN A 112 -19.18 3.96 3.38
CA GLN A 112 -20.15 2.91 3.31
C GLN A 112 -19.41 1.63 3.55
N VAL A 113 -19.93 0.79 4.42
CA VAL A 113 -19.27 -0.45 4.73
C VAL A 113 -20.06 -1.62 4.17
N TYR A 114 -19.41 -2.46 3.36
CA TYR A 114 -20.06 -3.66 2.85
C TYR A 114 -19.29 -4.96 3.17
N THR A 115 -20.03 -5.97 3.58
CA THR A 115 -19.41 -7.23 3.94
C THR A 115 -19.74 -8.20 2.86
N LEU A 116 -18.70 -8.74 2.22
CA LEU A 116 -18.84 -9.66 1.08
C LEU A 116 -18.44 -11.06 1.52
N PRO A 117 -19.41 -12.01 1.49
CA PRO A 117 -19.17 -13.44 1.81
C PRO A 117 -18.15 -14.04 0.88
N PRO A 118 -17.55 -15.18 1.29
CA PRO A 118 -16.55 -15.90 0.51
C PRO A 118 -17.21 -16.51 -0.71
N SER A 119 -16.52 -16.49 -1.86
CA SER A 119 -17.15 -16.96 -3.09
C SER A 119 -17.34 -18.45 -3.05
N ARG A 120 -18.35 -18.92 -3.79
CA ARG A 120 -18.60 -20.35 -3.86
C ARG A 120 -17.30 -21.15 -4.16
N ASP A 121 -16.46 -20.65 -5.09
CA ASP A 121 -15.25 -21.36 -5.47
C ASP A 121 -14.23 -21.55 -4.33
N GLU A 122 -14.43 -20.92 -3.17
CA GLU A 122 -13.39 -20.90 -2.13
C GLU A 122 -13.68 -21.96 -1.09
N LEU A 123 -14.86 -22.52 -1.16
CA LEU A 123 -15.24 -23.47 -0.13
C LEU A 123 -14.49 -24.84 -0.19
N THR A 124 -13.49 -24.97 -1.06
CA THR A 124 -12.70 -26.21 -1.13
C THR A 124 -11.50 -26.20 -0.13
N LYS A 125 -11.08 -25.01 0.26
CA LYS A 125 -9.88 -24.88 1.08
C LYS A 125 -10.21 -25.01 2.58
N ASN A 126 -9.18 -25.20 3.38
CA ASN A 126 -9.38 -25.31 4.82
C ASN A 126 -10.15 -24.16 5.40
N GLN A 127 -9.74 -22.93 5.06
CA GLN A 127 -10.29 -21.67 5.59
C GLN A 127 -10.91 -20.79 4.49
N VAL A 128 -11.95 -20.01 4.79
CA VAL A 128 -12.55 -19.14 3.77
C VAL A 128 -12.16 -17.72 4.05
N SER A 129 -12.49 -16.81 3.15
CA SER A 129 -12.07 -15.40 3.27
C SER A 129 -13.26 -14.47 3.42
N LEU A 130 -13.36 -13.81 4.56
CA LEU A 130 -14.48 -12.93 4.85
C LEU A 130 -14.07 -11.48 4.62
N THR A 131 -14.65 -10.89 3.60
CA THR A 131 -14.24 -9.57 3.16
C THR A 131 -15.08 -8.45 3.78
N CYS A 132 -14.43 -7.33 4.09
CA CYS A 132 -15.09 -6.07 4.45
C CYS A 132 -14.65 -4.98 3.47
N LEU A 133 -15.59 -4.42 2.72
CA LEU A 133 -15.32 -3.24 1.89
C LEU A 133 -15.75 -1.97 2.60
N VAL A 134 -14.80 -1.03 2.71
CA VAL A 134 -15.06 0.28 3.29
C VAL A 134 -14.72 1.33 2.25
N LYS A 135 -15.71 1.96 1.67
CA LYS A 135 -15.39 2.87 0.62
C LYS A 135 -15.94 4.29 0.78
N GLY A 136 -15.37 5.23 0.04
CA GLY A 136 -15.94 6.57 -0.08
C GLY A 136 -15.75 7.47 1.12
N PHE A 137 -14.75 7.16 1.93
CA PHE A 137 -14.47 8.00 3.08
C PHE A 137 -13.33 9.01 2.85
N TYR A 138 -13.31 10.02 3.73
CA TYR A 138 -12.31 11.05 3.75
C TYR A 138 -12.42 11.65 5.12
N PRO A 139 -11.31 11.96 5.82
CA PRO A 139 -9.95 11.60 5.53
C PRO A 139 -9.80 10.10 5.47
N SER A 140 -8.57 9.64 5.26
CA SER A 140 -8.27 8.24 5.12
C SER A 140 -8.08 7.64 6.50
N ASP A 141 -7.58 8.43 7.46
CA ASP A 141 -7.45 7.98 8.84
C ASP A 141 -8.68 7.17 9.24
N ILE A 142 -8.50 5.86 9.51
CA ILE A 142 -9.61 4.95 9.86
C ILE A 142 -9.13 3.83 10.78
N ALA A 143 -10.07 3.06 11.33
CA ALA A 143 -9.74 1.89 12.17
C ALA A 143 -10.72 0.83 11.79
N VAL A 144 -10.25 -0.39 11.67
CA VAL A 144 -11.14 -1.48 11.33
C VAL A 144 -10.65 -2.78 11.92
N GLU A 145 -11.56 -3.50 12.57
CA GLU A 145 -11.25 -4.73 13.24
C GLU A 145 -12.40 -5.70 12.99
N TRP A 146 -12.27 -6.92 13.51
CA TRP A 146 -13.29 -7.94 13.35
C TRP A 146 -13.62 -8.57 14.68
N GLU A 147 -14.83 -9.09 14.80
CA GLU A 147 -15.20 -9.90 15.96
C GLU A 147 -16.30 -10.93 15.65
N SER A 148 -16.44 -11.90 16.54
CA SER A 148 -17.53 -12.85 16.40
C SER A 148 -18.19 -13.07 17.74
N ASN A 149 -19.51 -13.20 17.70
CA ASN A 149 -20.33 -13.03 18.88
C ASN A 149 -19.42 -12.62 20.06
N GLY A 150 -19.29 -11.29 20.21
CA GLY A 150 -18.72 -10.68 21.38
C GLY A 150 -17.22 -10.68 21.38
N GLN A 151 -16.70 -11.86 21.03
CA GLN A 151 -15.28 -12.14 20.95
C GLN A 151 -14.66 -11.69 19.62
N PRO A 152 -13.53 -10.98 19.71
CA PRO A 152 -12.73 -10.47 18.62
C PRO A 152 -12.00 -11.56 17.80
N GLU A 153 -11.99 -11.43 16.49
CA GLU A 153 -11.29 -12.38 15.64
C GLU A 153 -10.03 -11.69 15.18
N ASN A 154 -8.85 -12.21 15.56
CA ASN A 154 -7.56 -11.53 15.31
C ASN A 154 -6.86 -11.93 13.98
N ASN A 155 -7.12 -13.14 13.51
CA ASN A 155 -6.58 -13.57 12.23
C ASN A 155 -7.10 -12.77 11.01
N TYR A 156 -6.60 -11.56 10.79
CA TYR A 156 -6.91 -10.82 9.58
C TYR A 156 -5.83 -9.82 9.27
N LYS A 157 -5.82 -9.39 8.00
CA LYS A 157 -4.92 -8.39 7.43
C LYS A 157 -5.78 -7.33 6.73
N THR A 158 -5.47 -6.05 6.96
CA THR A 158 -6.24 -5.01 6.30
C THR A 158 -5.39 -4.13 5.37
N THR A 159 -5.82 -3.92 4.11
CA THR A 159 -5.02 -3.18 3.14
C THR A 159 -4.86 -1.73 3.55
N PRO A 160 -3.79 -1.05 3.07
CA PRO A 160 -3.67 0.40 3.26
C PRO A 160 -4.76 1.14 2.50
N PRO A 161 -5.17 2.31 3.00
CA PRO A 161 -6.26 2.99 2.30
C PRO A 161 -5.82 3.36 0.89
N VAL A 162 -6.63 3.05 -0.12
CA VAL A 162 -6.34 3.40 -1.49
C VAL A 162 -7.18 4.62 -2.00
N LEU A 163 -6.54 5.58 -2.68
CA LEU A 163 -7.21 6.76 -3.21
C LEU A 163 -8.18 6.42 -4.35
N ASP A 164 -9.48 6.50 -4.11
CA ASP A 164 -10.45 6.11 -5.14
C ASP A 164 -10.62 7.29 -6.09
N SER A 165 -11.37 7.13 -7.17
CA SER A 165 -11.32 8.09 -8.26
C SER A 165 -12.23 9.27 -7.98
N ASP A 166 -13.20 9.09 -7.07
CA ASP A 166 -14.13 10.17 -6.63
C ASP A 166 -13.53 11.08 -5.54
N GLY A 167 -12.21 11.06 -5.39
CA GLY A 167 -11.54 11.78 -4.33
C GLY A 167 -11.49 11.16 -2.94
N SER A 168 -12.29 10.12 -2.69
CA SER A 168 -12.32 9.53 -1.37
C SER A 168 -11.36 8.38 -1.26
N PHE A 169 -11.30 7.78 -0.08
CA PHE A 169 -10.53 6.56 0.06
C PHE A 169 -11.40 5.33 0.20
N PHE A 170 -10.77 4.18 -0.05
CA PHE A 170 -11.37 2.91 0.26
C PHE A 170 -10.30 1.90 0.65
N LEU A 171 -10.77 0.80 1.24
CA LEU A 171 -9.89 -0.27 1.68
C LEU A 171 -10.66 -1.53 1.73
N TYR A 172 -9.96 -2.64 1.94
CA TYR A 172 -10.55 -3.95 2.17
C TYR A 172 -9.94 -4.61 3.41
N SER A 173 -10.75 -5.20 4.27
CA SER A 173 -10.19 -6.06 5.32
C SER A 173 -10.56 -7.50 5.02
N LYS A 174 -9.59 -8.40 5.16
CA LYS A 174 -9.83 -9.82 4.92
C LYS A 174 -9.68 -10.57 6.23
N LEU A 175 -10.75 -11.21 6.67
CA LEU A 175 -10.71 -12.06 7.83
C LEU A 175 -10.67 -13.50 7.38
N THR A 176 -9.68 -14.28 7.80
CA THR A 176 -9.76 -15.67 7.43
C THR A 176 -10.27 -16.50 8.61
N VAL A 177 -11.36 -17.24 8.40
CA VAL A 177 -11.86 -18.20 9.42
C VAL A 177 -11.94 -19.67 8.93
N ASP A 178 -11.79 -20.64 9.83
CA ASP A 178 -11.81 -22.07 9.38
C ASP A 178 -13.14 -22.37 8.69
N LYS A 179 -13.10 -23.09 7.57
CA LYS A 179 -14.27 -23.19 6.72
C LYS A 179 -15.45 -23.60 7.53
N SER A 180 -15.21 -24.52 8.45
CA SER A 180 -16.22 -25.06 9.35
C SER A 180 -17.03 -23.97 10.02
N ARG A 181 -16.33 -23.16 10.84
CA ARG A 181 -16.90 -22.01 11.52
C ARG A 181 -17.86 -21.27 10.63
N TRP A 182 -17.48 -21.08 9.39
CA TRP A 182 -18.35 -20.36 8.50
C TRP A 182 -19.47 -21.26 8.06
N GLN A 183 -19.16 -22.55 7.84
CA GLN A 183 -20.15 -23.48 7.27
C GLN A 183 -21.32 -23.65 8.23
N GLN A 184 -21.02 -23.70 9.52
CA GLN A 184 -22.03 -23.88 10.58
C GLN A 184 -22.61 -22.55 11.17
N GLY A 185 -23.02 -21.62 10.32
CA GLY A 185 -23.73 -20.42 10.76
C GLY A 185 -23.14 -19.44 11.76
N ASN A 186 -21.86 -19.54 12.07
CA ASN A 186 -21.24 -18.50 12.89
C ASN A 186 -21.35 -17.06 12.29
N VAL A 187 -21.68 -16.10 13.15
CA VAL A 187 -21.83 -14.70 12.73
C VAL A 187 -20.54 -13.88 12.98
N PHE A 188 -20.09 -13.15 11.96
CA PHE A 188 -18.85 -12.37 12.05
C PHE A 188 -19.15 -10.92 11.75
N SER A 189 -18.68 -10.03 12.63
CA SER A 189 -18.95 -8.61 12.47
C SER A 189 -17.69 -7.82 12.17
N CYS A 190 -17.83 -6.87 11.24
CA CYS A 190 -16.76 -5.95 10.88
C CYS A 190 -16.95 -4.60 11.54
N SER A 191 -16.04 -4.24 12.42
CA SER A 191 -16.18 -2.98 13.10
C SER A 191 -15.40 -1.88 12.37
N VAL A 192 -16.04 -0.79 11.99
CA VAL A 192 -15.28 0.29 11.37
C VAL A 192 -15.39 1.56 12.19
N MET A 193 -14.27 2.20 12.47
CA MET A 193 -14.25 3.44 13.26
C MET A 193 -13.65 4.63 12.50
N HIS A 194 -14.47 5.63 12.22
CA HIS A 194 -14.10 6.80 11.40
C HIS A 194 -14.76 8.10 11.84
N GLU A 195 -13.98 9.17 11.76
CA GLU A 195 -14.46 10.52 12.02
C GLU A 195 -15.89 10.83 11.60
N ALA A 196 -16.27 10.47 10.37
CA ALA A 196 -17.53 10.95 9.83
C ALA A 196 -18.64 9.95 9.94
N LEU A 197 -18.55 9.08 10.93
CA LEU A 197 -19.57 8.06 11.19
C LEU A 197 -20.48 8.53 12.28
N HIS A 198 -21.71 8.06 12.35
CA HIS A 198 -22.47 8.37 13.57
C HIS A 198 -21.73 7.82 14.80
N ASN A 199 -21.40 8.67 15.75
CA ASN A 199 -20.71 8.16 16.92
C ASN A 199 -19.37 7.53 16.55
N HIS A 200 -18.84 7.93 15.37
CA HIS A 200 -17.54 7.47 14.83
C HIS A 200 -17.42 6.01 14.85
N TYR A 201 -18.52 5.28 14.67
CA TYR A 201 -18.49 3.79 14.78
C TYR A 201 -19.61 3.11 14.01
N THR A 202 -19.42 1.82 13.81
CA THR A 202 -20.39 1.00 13.13
C THR A 202 -19.85 -0.41 12.92
N GLN A 203 -20.75 -1.38 12.99
CA GLN A 203 -20.45 -2.76 12.80
C GLN A 203 -21.31 -3.31 11.68
N LYS A 204 -20.80 -4.26 10.89
CA LYS A 204 -21.67 -5.01 9.98
C LYS A 204 -21.66 -6.55 10.19
N SER A 205 -22.83 -7.17 10.01
CA SER A 205 -23.08 -8.60 10.13
C SER A 205 -22.62 -9.33 8.91
N LEU A 206 -22.48 -10.63 9.04
CA LEU A 206 -21.94 -11.45 7.96
C LEU A 206 -21.85 -12.86 8.47
N SER A 207 -22.88 -13.63 8.19
CA SER A 207 -22.92 -15.04 8.57
C SER A 207 -23.40 -15.75 7.35
N LEU A 208 -23.91 -16.96 7.54
CA LEU A 208 -24.47 -17.73 6.45
C LEU A 208 -25.99 -18.00 6.56
N GLY B 2 29.30 11.79 -4.72
CA GLY B 2 29.31 11.09 -6.02
C GLY B 2 27.93 10.80 -6.60
N PRO B 3 27.87 10.03 -7.72
CA PRO B 3 26.62 9.60 -8.34
C PRO B 3 26.08 8.36 -7.71
N SER B 4 24.78 8.10 -7.84
CA SER B 4 24.16 6.93 -7.21
C SER B 4 23.52 6.00 -8.25
N VAL B 5 23.32 4.74 -7.88
CA VAL B 5 22.84 3.76 -8.84
C VAL B 5 21.58 3.03 -8.41
N PHE B 6 20.61 3.01 -9.30
CA PHE B 6 19.35 2.34 -9.03
C PHE B 6 19.10 1.33 -10.11
N LEU B 7 18.83 0.10 -9.69
CA LEU B 7 18.66 -1.04 -10.58
C LEU B 7 17.23 -1.60 -10.49
N PHE B 8 16.49 -1.52 -11.59
CA PHE B 8 15.06 -1.83 -11.61
C PHE B 8 14.69 -3.11 -12.32
N PRO B 9 13.73 -3.88 -11.81
CA PRO B 9 13.31 -5.10 -12.53
C PRO B 9 12.55 -4.78 -13.80
N PRO B 10 12.36 -5.76 -14.67
CA PRO B 10 11.55 -5.44 -15.85
C PRO B 10 10.12 -5.43 -15.41
N LYS B 11 9.20 -5.09 -16.30
CA LYS B 11 7.79 -5.07 -15.96
C LYS B 11 7.09 -6.49 -15.95
N PRO B 12 6.31 -6.79 -14.89
CA PRO B 12 5.70 -8.12 -14.81
C PRO B 12 5.05 -8.53 -16.12
N LYS B 13 4.28 -7.61 -16.69
CA LYS B 13 3.55 -7.95 -17.89
C LYS B 13 4.55 -8.36 -18.93
N ASP B 14 5.73 -7.73 -18.92
CA ASP B 14 6.72 -8.02 -19.94
C ASP B 14 7.37 -9.39 -19.73
N THR B 15 7.56 -9.79 -18.48
CA THR B 15 8.16 -11.09 -18.24
C THR B 15 7.12 -12.18 -18.30
N LEU B 16 5.85 -11.81 -18.18
CA LEU B 16 4.82 -12.82 -18.18
C LEU B 16 4.22 -13.02 -19.53
N MET B 17 4.47 -12.11 -20.45
CA MET B 17 3.93 -12.31 -21.79
C MET B 17 5.02 -12.63 -22.81
N ILE B 18 4.90 -13.81 -23.43
CA ILE B 18 5.82 -14.16 -24.47
C ILE B 18 5.87 -13.12 -25.56
N SER B 19 4.77 -12.38 -25.72
CA SER B 19 4.65 -11.53 -26.88
C SER B 19 5.33 -10.21 -26.60
N ARG B 20 5.74 -10.04 -25.35
CA ARG B 20 6.40 -8.83 -24.92
C ARG B 20 7.86 -9.13 -24.66
N THR B 21 8.68 -8.08 -24.64
CA THR B 21 10.10 -8.21 -24.40
C THR B 21 10.46 -7.54 -23.09
N PRO B 22 10.98 -8.31 -22.12
CA PRO B 22 11.36 -7.78 -20.81
C PRO B 22 12.81 -7.36 -20.74
N GLU B 23 13.08 -6.31 -19.94
CA GLU B 23 14.42 -5.77 -19.76
C GLU B 23 14.68 -5.26 -18.37
N VAL B 24 15.89 -5.50 -17.91
CA VAL B 24 16.36 -4.90 -16.67
C VAL B 24 16.98 -3.51 -16.93
N THR B 25 16.56 -2.48 -16.20
CA THR B 25 17.14 -1.15 -16.41
C THR B 25 18.20 -0.87 -15.34
N CYS B 26 19.24 -0.14 -15.69
CA CYS B 26 20.21 0.32 -14.72
C CYS B 26 20.28 1.84 -14.83
N VAL B 27 19.80 2.58 -13.82
CA VAL B 27 19.85 4.03 -13.89
C VAL B 27 20.89 4.69 -12.96
N VAL B 28 21.74 5.54 -13.52
CA VAL B 28 22.71 6.31 -12.76
C VAL B 28 22.31 7.79 -12.68
N VAL B 29 22.02 8.28 -11.48
CA VAL B 29 21.63 9.65 -11.37
C VAL B 29 22.77 10.42 -10.69
N ASP B 30 22.75 11.75 -10.83
CA ASP B 30 23.72 12.54 -10.12
C ASP B 30 25.09 12.49 -10.77
N VAL B 31 25.10 12.05 -12.02
CA VAL B 31 26.29 12.15 -12.84
C VAL B 31 26.71 13.63 -13.03
N SER B 32 28.00 13.87 -12.81
CA SER B 32 28.55 15.22 -12.73
C SER B 32 28.98 15.69 -14.10
N HIS B 33 28.99 17.00 -14.34
CA HIS B 33 29.52 17.48 -15.62
C HIS B 33 31.07 17.32 -15.73
N GLU B 34 31.78 17.49 -14.63
CA GLU B 34 33.23 17.31 -14.63
C GLU B 34 33.56 15.80 -14.59
N ASP B 35 32.87 15.03 -15.43
CA ASP B 35 33.07 13.58 -15.57
C ASP B 35 31.80 12.81 -15.83
N PRO B 36 31.12 13.12 -16.94
CA PRO B 36 29.89 12.40 -17.29
C PRO B 36 30.18 11.01 -17.86
N GLU B 37 31.44 10.73 -18.18
CA GLU B 37 31.75 9.45 -18.78
C GLU B 37 31.41 8.39 -17.75
N VAL B 38 30.59 7.44 -18.19
CA VAL B 38 30.20 6.28 -17.39
C VAL B 38 30.47 4.90 -18.07
N LYS B 39 31.32 4.07 -17.48
CA LYS B 39 31.46 2.70 -17.95
C LYS B 39 30.32 1.79 -17.40
N PHE B 40 29.93 0.78 -18.16
CA PHE B 40 28.95 -0.19 -17.68
C PHE B 40 29.39 -1.62 -17.87
N ASN B 41 29.40 -2.41 -16.81
CA ASN B 41 29.65 -3.85 -17.00
C ASN B 41 28.48 -4.67 -16.53
N TRP B 42 28.13 -5.70 -17.28
CA TRP B 42 26.95 -6.45 -16.91
C TRP B 42 27.25 -7.89 -16.66
N TYR B 43 26.60 -8.47 -15.66
CA TYR B 43 26.77 -9.90 -15.34
C TYR B 43 25.47 -10.62 -15.02
N VAL B 44 25.09 -11.52 -15.88
CA VAL B 44 24.06 -12.49 -15.61
C VAL B 44 24.65 -13.70 -14.89
N ASP B 45 24.40 -13.86 -13.59
CA ASP B 45 25.01 -14.98 -12.88
C ASP B 45 26.52 -15.02 -13.01
N GLY B 46 27.19 -13.93 -12.64
CA GLY B 46 28.62 -13.83 -12.88
C GLY B 46 29.02 -13.72 -14.35
N VAL B 47 28.37 -14.47 -15.24
CA VAL B 47 28.81 -14.51 -16.65
C VAL B 47 28.58 -13.10 -17.23
N GLU B 48 29.64 -12.44 -17.74
CA GLU B 48 29.46 -11.07 -18.28
C GLU B 48 28.72 -11.18 -19.61
N VAL B 49 28.03 -10.13 -20.02
CA VAL B 49 27.31 -10.18 -21.28
C VAL B 49 27.53 -8.83 -21.91
N HIS B 50 27.32 -8.69 -23.22
CA HIS B 50 27.75 -7.44 -23.89
C HIS B 50 26.69 -6.90 -24.84
N ASN B 51 25.44 -7.08 -24.50
CA ASN B 51 24.39 -6.57 -25.36
C ASN B 51 23.52 -5.53 -24.66
N ALA B 52 24.12 -4.66 -23.88
CA ALA B 52 23.27 -3.70 -23.19
C ALA B 52 23.33 -2.32 -23.85
N LYS B 53 22.40 -2.07 -24.77
CA LYS B 53 22.20 -0.74 -25.27
C LYS B 53 22.15 0.33 -24.17
N THR B 54 22.47 1.56 -24.56
CA THR B 54 22.43 2.72 -23.67
C THR B 54 21.46 3.73 -24.22
N LYS B 55 20.66 4.30 -23.34
CA LYS B 55 19.56 5.13 -23.80
C LYS B 55 20.02 6.58 -23.82
N PRO B 56 19.39 7.41 -24.66
CA PRO B 56 19.67 8.84 -24.76
C PRO B 56 20.13 9.48 -23.46
N ARG B 57 21.27 10.14 -23.51
CA ARG B 57 21.68 10.83 -22.31
C ARG B 57 20.84 12.05 -22.20
N GLU B 58 20.32 12.28 -20.99
CA GLU B 58 19.36 13.36 -20.71
C GLU B 58 19.77 14.26 -19.52
N GLU B 59 19.56 15.56 -19.73
CA GLU B 59 19.88 16.60 -18.74
C GLU B 59 18.69 16.74 -17.79
N GLN B 60 18.97 16.84 -16.48
CA GLN B 60 17.92 16.94 -15.47
C GLN B 60 17.64 18.38 -15.11
N TYR B 61 18.54 19.28 -15.45
CA TYR B 61 18.33 20.69 -15.19
C TYR B 61 18.56 21.01 -13.72
N ASN B 62 18.99 20.04 -12.94
CA ASN B 62 19.26 20.33 -11.54
C ASN B 62 20.74 20.33 -11.25
N SER B 63 21.52 20.16 -12.31
CA SER B 63 22.96 20.18 -12.17
C SER B 63 23.64 18.94 -12.69
N THR B 64 22.83 17.87 -12.88
CA THR B 64 23.35 16.53 -13.12
C THR B 64 22.78 15.84 -14.34
N TYR B 65 23.52 14.82 -14.78
CA TYR B 65 23.13 13.93 -15.89
C TYR B 65 22.53 12.63 -15.40
N ARG B 66 21.56 12.15 -16.15
CA ARG B 66 21.00 10.83 -15.92
C ARG B 66 21.46 9.87 -17.05
N VAL B 67 22.43 9.00 -16.72
CA VAL B 67 22.95 7.96 -17.62
C VAL B 67 22.30 6.58 -17.47
N VAL B 68 21.60 6.08 -18.47
CA VAL B 68 20.85 4.82 -18.26
C VAL B 68 21.23 3.66 -19.21
N SER B 69 21.68 2.53 -18.68
CA SER B 69 21.89 1.37 -19.57
C SER B 69 20.87 0.31 -19.39
N VAL B 70 20.45 -0.24 -20.52
CA VAL B 70 19.37 -1.21 -20.49
C VAL B 70 19.78 -2.57 -21.08
N LEU B 71 19.32 -3.61 -20.39
CA LEU B 71 19.61 -5.00 -20.71
C LEU B 71 18.37 -5.90 -20.79
N THR B 72 17.99 -6.19 -22.03
CA THR B 72 17.02 -7.23 -22.39
C THR B 72 17.27 -8.56 -21.69
N VAL B 73 16.30 -9.09 -20.94
CA VAL B 73 16.50 -10.44 -20.43
C VAL B 73 15.61 -11.45 -21.13
N LEU B 74 15.88 -12.73 -20.89
CA LEU B 74 15.03 -13.81 -21.41
C LEU B 74 13.89 -14.13 -20.46
N HIS B 75 12.65 -14.04 -20.92
CA HIS B 75 11.56 -14.38 -20.01
C HIS B 75 12.00 -15.52 -19.09
N GLN B 76 12.53 -16.58 -19.70
CA GLN B 76 12.95 -17.82 -19.02
C GLN B 76 13.99 -17.62 -17.93
N ASP B 77 15.11 -17.00 -18.32
CA ASP B 77 16.18 -16.60 -17.40
C ASP B 77 15.62 -15.86 -16.19
N TRP B 78 14.69 -14.93 -16.41
CA TRP B 78 14.22 -14.09 -15.31
C TRP B 78 13.41 -14.87 -14.34
N LEU B 79 12.37 -15.53 -14.84
CA LEU B 79 11.47 -16.36 -14.00
C LEU B 79 12.19 -17.45 -13.17
N ASN B 80 13.20 -18.06 -13.79
CA ASN B 80 14.05 -19.01 -13.10
C ASN B 80 14.90 -18.41 -11.94
N GLY B 81 15.37 -17.17 -12.03
CA GLY B 81 15.93 -16.53 -10.86
C GLY B 81 17.39 -16.22 -11.02
N LYS B 82 17.74 -15.69 -12.18
CA LYS B 82 19.12 -15.41 -12.56
C LYS B 82 19.58 -14.03 -12.11
N GLU B 83 20.42 -13.94 -11.07
CA GLU B 83 20.90 -12.62 -10.57
C GLU B 83 21.59 -11.78 -11.65
N TYR B 84 21.05 -10.59 -11.90
CA TYR B 84 21.73 -9.60 -12.73
C TYR B 84 22.48 -8.56 -11.92
N LYS B 85 23.76 -8.43 -12.29
CA LYS B 85 24.69 -7.46 -11.69
C LYS B 85 24.86 -6.38 -12.71
N CYS B 86 24.68 -5.13 -12.31
CA CYS B 86 25.06 -3.99 -13.11
C CYS B 86 26.19 -3.32 -12.35
N LYS B 87 27.29 -3.04 -13.05
CA LYS B 87 28.49 -2.45 -12.45
C LYS B 87 28.76 -1.10 -13.05
N VAL B 88 28.89 -0.08 -12.22
CA VAL B 88 28.95 1.29 -12.70
C VAL B 88 30.22 1.99 -12.27
N SER B 89 31.08 2.40 -13.22
CA SER B 89 32.29 3.18 -12.92
C SER B 89 32.25 4.64 -13.39
N ASN B 90 32.93 5.52 -12.68
CA ASN B 90 32.94 6.95 -13.03
C ASN B 90 34.15 7.64 -12.45
N LYS B 91 34.90 8.34 -13.30
CA LYS B 91 36.12 9.05 -12.84
C LYS B 91 35.91 9.70 -11.46
N ALA B 92 34.76 10.35 -11.31
CA ALA B 92 34.44 11.03 -10.09
C ALA B 92 33.92 10.04 -9.04
N LEU B 93 34.67 8.99 -8.77
CA LEU B 93 34.13 7.83 -8.02
C LEU B 93 35.21 6.82 -7.56
N PRO B 94 35.36 6.69 -6.23
CA PRO B 94 36.45 5.98 -5.53
C PRO B 94 36.59 4.52 -5.90
N ALA B 95 35.53 3.94 -6.41
CA ALA B 95 35.52 2.54 -6.72
C ALA B 95 34.17 2.19 -7.34
N PRO B 96 34.15 1.24 -8.29
CA PRO B 96 32.91 0.83 -8.92
C PRO B 96 31.80 0.56 -7.92
N ILE B 97 30.58 0.95 -8.25
CA ILE B 97 29.38 0.57 -7.53
C ILE B 97 28.88 -0.71 -8.20
N GLU B 98 28.14 -1.53 -7.47
CA GLU B 98 27.66 -2.78 -8.01
C GLU B 98 26.26 -3.07 -7.47
N LYS B 99 25.24 -3.16 -8.33
CA LYS B 99 23.95 -3.54 -7.80
C LYS B 99 23.48 -4.83 -8.47
N THR B 100 22.68 -5.63 -7.77
CA THR B 100 22.23 -6.90 -8.29
C THR B 100 20.74 -7.04 -8.01
N ILE B 101 19.99 -7.61 -8.96
CA ILE B 101 18.55 -7.82 -8.77
C ILE B 101 18.07 -9.14 -9.39
N SER B 102 16.95 -9.67 -8.87
CA SER B 102 16.45 -10.98 -9.31
C SER B 102 14.99 -11.27 -8.96
N LYS B 103 14.39 -12.26 -9.66
CA LYS B 103 13.09 -12.83 -9.29
C LYS B 103 13.03 -13.08 -7.79
N ALA B 104 12.10 -12.43 -7.10
CA ALA B 104 12.07 -12.55 -5.64
C ALA B 104 12.29 -14.00 -5.26
N LYS B 105 13.25 -14.24 -4.38
CA LYS B 105 13.53 -15.62 -4.00
C LYS B 105 12.32 -16.19 -3.25
N GLY B 106 12.04 -17.47 -3.42
CA GLY B 106 10.91 -18.10 -2.77
C GLY B 106 10.03 -18.92 -3.69
N GLN B 107 9.38 -19.96 -3.14
CA GLN B 107 8.60 -20.90 -3.94
C GLN B 107 7.37 -20.25 -4.55
N PRO B 108 7.43 -19.95 -5.86
CA PRO B 108 6.26 -19.46 -6.58
C PRO B 108 5.00 -20.12 -6.09
N ARG B 109 4.03 -19.37 -5.57
CA ARG B 109 2.71 -19.92 -5.29
C ARG B 109 1.64 -19.42 -6.28
N GLU B 110 0.62 -20.24 -6.54
CA GLU B 110 -0.46 -19.92 -7.47
C GLU B 110 -1.56 -19.17 -6.74
N PRO B 111 -1.95 -17.99 -7.28
CA PRO B 111 -2.92 -17.05 -6.73
C PRO B 111 -4.31 -17.58 -6.95
N GLN B 112 -5.15 -17.54 -5.93
CA GLN B 112 -6.52 -17.99 -6.12
C GLN B 112 -7.35 -16.77 -6.44
N VAL B 113 -8.30 -16.90 -7.35
CA VAL B 113 -9.02 -15.70 -7.80
C VAL B 113 -10.52 -15.87 -7.57
N TYR B 114 -11.09 -14.86 -6.93
CA TYR B 114 -12.52 -14.88 -6.61
C TYR B 114 -13.21 -13.56 -6.91
N THR B 115 -14.16 -13.60 -7.82
CA THR B 115 -15.01 -12.45 -8.05
C THR B 115 -16.08 -12.39 -6.97
N LEU B 116 -16.02 -11.39 -6.11
CA LEU B 116 -17.05 -11.13 -5.10
C LEU B 116 -18.04 -10.13 -5.66
N PRO B 117 -19.33 -10.42 -5.55
CA PRO B 117 -20.36 -9.54 -6.09
C PRO B 117 -20.64 -8.39 -5.14
N PRO B 118 -21.27 -7.33 -5.64
CA PRO B 118 -21.52 -6.15 -4.82
C PRO B 118 -22.60 -6.43 -3.81
N SER B 119 -22.43 -5.86 -2.62
CA SER B 119 -23.33 -6.11 -1.48
C SER B 119 -24.78 -5.81 -1.74
N ARG B 120 -25.65 -6.74 -1.35
CA ARG B 120 -27.09 -6.52 -1.42
C ARG B 120 -27.25 -5.03 -1.10
N ASP B 121 -26.87 -4.63 0.12
CA ASP B 121 -27.09 -3.27 0.63
C ASP B 121 -26.29 -2.16 -0.03
N GLU B 122 -26.10 -2.21 -1.34
CA GLU B 122 -25.39 -1.14 -2.03
C GLU B 122 -26.00 -0.83 -3.37
N LEU B 123 -27.24 -1.24 -3.56
CA LEU B 123 -27.89 -1.03 -4.84
C LEU B 123 -28.76 0.25 -4.85
N THR B 124 -28.81 0.94 -3.71
CA THR B 124 -29.51 2.23 -3.66
C THR B 124 -28.59 3.39 -4.06
N LYS B 125 -27.35 3.07 -4.46
CA LYS B 125 -26.37 4.06 -4.95
C LYS B 125 -26.29 4.05 -6.49
N ASN B 126 -25.69 5.07 -7.09
CA ASN B 126 -25.69 5.12 -8.55
C ASN B 126 -24.65 4.23 -9.19
N GLN B 127 -23.79 3.65 -8.37
CA GLN B 127 -22.63 2.86 -8.82
C GLN B 127 -22.28 1.73 -7.83
N VAL B 128 -22.31 0.48 -8.27
CA VAL B 128 -21.95 -0.62 -7.34
C VAL B 128 -20.51 -1.07 -7.55
N SER B 129 -20.01 -1.88 -6.62
CA SER B 129 -18.62 -2.32 -6.58
C SER B 129 -18.36 -3.82 -6.80
N LEU B 130 -17.93 -4.15 -8.01
CA LEU B 130 -17.55 -5.53 -8.33
C LEU B 130 -16.15 -5.85 -7.81
N THR B 131 -16.06 -6.78 -6.88
CA THR B 131 -14.80 -7.02 -6.21
C THR B 131 -14.09 -8.26 -6.81
N CYS B 132 -12.74 -8.19 -6.89
CA CYS B 132 -11.88 -9.31 -7.26
C CYS B 132 -10.82 -9.58 -6.16
N LEU B 133 -10.88 -10.77 -5.57
CA LEU B 133 -9.91 -11.19 -4.55
C LEU B 133 -8.84 -12.09 -5.17
N VAL B 134 -7.59 -11.76 -4.93
CA VAL B 134 -6.51 -12.58 -5.44
C VAL B 134 -5.59 -12.98 -4.28
N LYS B 135 -5.86 -14.10 -3.64
CA LYS B 135 -5.13 -14.42 -2.41
C LYS B 135 -4.02 -15.44 -2.67
N GLY B 136 -3.07 -15.54 -1.74
CA GLY B 136 -2.15 -16.68 -1.69
C GLY B 136 -1.12 -16.86 -2.80
N PHE B 137 -0.62 -15.73 -3.29
CA PHE B 137 0.32 -15.78 -4.39
C PHE B 137 1.69 -15.37 -3.91
N TYR B 138 2.71 -15.87 -4.61
CA TYR B 138 4.12 -15.55 -4.38
C TYR B 138 4.88 -15.76 -5.71
N PRO B 139 5.78 -14.83 -6.11
CA PRO B 139 6.16 -13.54 -5.52
C PRO B 139 5.11 -12.46 -5.80
N SER B 140 5.24 -11.27 -5.21
CA SER B 140 4.10 -10.34 -5.23
C SER B 140 3.97 -9.68 -6.57
N ASP B 141 4.93 -9.91 -7.47
CA ASP B 141 4.84 -9.39 -8.83
C ASP B 141 3.61 -9.92 -9.54
N ILE B 142 2.68 -9.01 -9.88
CA ILE B 142 1.41 -9.40 -10.51
C ILE B 142 0.76 -8.30 -11.33
N ALA B 143 -0.11 -8.71 -12.27
CA ALA B 143 -0.94 -7.82 -13.07
C ALA B 143 -2.40 -8.17 -12.88
N VAL B 144 -3.25 -7.17 -13.05
CA VAL B 144 -4.69 -7.38 -12.86
C VAL B 144 -5.59 -6.31 -13.45
N GLU B 145 -6.37 -6.71 -14.44
CA GLU B 145 -7.20 -5.79 -15.19
C GLU B 145 -8.61 -6.37 -15.31
N TRP B 146 -9.56 -5.50 -15.68
CA TRP B 146 -10.95 -5.89 -15.92
C TRP B 146 -11.35 -5.77 -17.37
N GLU B 147 -12.51 -6.32 -17.69
CA GLU B 147 -13.07 -6.19 -19.03
C GLU B 147 -14.46 -6.81 -19.18
N SER B 148 -15.15 -6.43 -20.25
CA SER B 148 -16.50 -6.89 -20.51
C SER B 148 -16.66 -6.98 -22.03
N ASN B 149 -17.34 -8.02 -22.50
CA ASN B 149 -17.51 -8.22 -23.92
C ASN B 149 -16.23 -7.95 -24.70
N GLY B 150 -15.12 -8.52 -24.21
CA GLY B 150 -13.83 -8.39 -24.88
C GLY B 150 -13.26 -6.99 -24.77
N GLN B 151 -14.03 -6.09 -24.13
CA GLN B 151 -13.67 -4.68 -23.99
C GLN B 151 -13.16 -4.36 -22.60
N PRO B 152 -12.11 -3.53 -22.53
CA PRO B 152 -11.47 -3.24 -21.25
C PRO B 152 -12.33 -2.31 -20.41
N GLU B 153 -12.21 -2.49 -19.11
CA GLU B 153 -12.90 -1.67 -18.14
C GLU B 153 -11.84 -0.91 -17.35
N ASN B 154 -11.77 0.40 -17.53
CA ASN B 154 -10.74 1.15 -16.89
C ASN B 154 -11.17 1.80 -15.56
N ASN B 155 -12.45 1.80 -15.23
CA ASN B 155 -12.83 2.54 -14.04
C ASN B 155 -12.65 1.75 -12.75
N TYR B 156 -11.45 1.27 -12.47
CA TYR B 156 -11.30 0.45 -11.28
C TYR B 156 -10.08 0.93 -10.60
N LYS B 157 -9.83 0.40 -9.41
CA LYS B 157 -8.65 0.77 -8.63
C LYS B 157 -8.13 -0.46 -7.90
N THR B 158 -6.86 -0.79 -8.02
CA THR B 158 -6.35 -1.96 -7.31
C THR B 158 -5.52 -1.60 -6.06
N THR B 159 -5.78 -2.26 -4.94
CA THR B 159 -4.91 -2.13 -3.78
C THR B 159 -3.47 -2.56 -4.09
N PRO B 160 -2.52 -2.13 -3.26
CA PRO B 160 -1.20 -2.74 -3.46
C PRO B 160 -1.19 -4.19 -2.95
N PRO B 161 -0.11 -4.92 -3.22
CA PRO B 161 -0.18 -6.28 -2.71
C PRO B 161 0.13 -6.23 -1.23
N VAL B 162 -0.57 -7.05 -0.45
CA VAL B 162 -0.34 -7.18 0.99
C VAL B 162 0.19 -8.56 1.45
N LEU B 163 1.16 -8.53 2.38
CA LEU B 163 1.77 -9.73 2.95
C LEU B 163 0.80 -10.43 3.89
N ASP B 164 0.48 -11.70 3.64
CA ASP B 164 -0.46 -12.43 4.50
C ASP B 164 0.22 -13.26 5.60
N SER B 165 -0.62 -13.99 6.36
CA SER B 165 -0.19 -14.69 7.54
C SER B 165 0.71 -15.85 7.16
N ASP B 166 0.36 -16.50 6.03
CA ASP B 166 1.10 -17.65 5.52
C ASP B 166 2.21 -17.31 4.50
N GLY B 167 2.88 -16.20 4.71
CA GLY B 167 3.98 -15.80 3.84
C GLY B 167 3.64 -15.69 2.37
N SER B 168 2.43 -15.28 2.06
CA SER B 168 2.10 -15.03 0.69
C SER B 168 1.48 -13.66 0.64
N PHE B 169 1.12 -13.23 -0.56
CA PHE B 169 0.52 -11.90 -0.76
C PHE B 169 -0.92 -12.04 -1.21
N PHE B 170 -1.68 -10.97 -1.07
CA PHE B 170 -3.04 -10.94 -1.55
C PHE B 170 -3.36 -9.50 -1.91
N LEU B 171 -4.46 -9.32 -2.64
CA LEU B 171 -4.82 -8.00 -3.12
C LEU B 171 -6.23 -8.02 -3.56
N TYR B 172 -6.82 -6.83 -3.61
CA TYR B 172 -8.21 -6.63 -4.06
C TYR B 172 -8.27 -5.56 -5.17
N SER B 173 -9.12 -5.77 -6.16
CA SER B 173 -9.30 -4.81 -7.22
C SER B 173 -10.77 -4.42 -7.29
N LYS B 174 -11.04 -3.11 -7.24
CA LYS B 174 -12.40 -2.59 -7.24
C LYS B 174 -12.74 -1.99 -8.56
N LEU B 175 -13.65 -2.65 -9.26
CA LEU B 175 -14.21 -2.17 -10.49
C LEU B 175 -15.54 -1.46 -10.22
N THR B 176 -15.65 -0.19 -10.62
CA THR B 176 -16.89 0.56 -10.38
C THR B 176 -17.70 0.72 -11.68
N VAL B 177 -18.96 0.26 -11.60
CA VAL B 177 -19.91 0.26 -12.72
C VAL B 177 -21.26 0.87 -12.36
N ASP B 178 -21.91 1.47 -13.35
CA ASP B 178 -23.21 2.10 -13.11
C ASP B 178 -24.26 1.06 -12.79
N LYS B 179 -24.84 1.10 -11.59
CA LYS B 179 -25.84 0.10 -11.17
C LYS B 179 -26.52 -0.54 -12.37
N SER B 180 -27.18 0.29 -13.16
CA SER B 180 -27.94 -0.17 -14.31
C SER B 180 -27.27 -1.29 -15.08
N ARG B 181 -26.07 -0.97 -15.58
CA ARG B 181 -25.23 -1.88 -16.35
C ARG B 181 -25.12 -3.25 -15.73
N TRP B 182 -24.77 -3.27 -14.45
CA TRP B 182 -24.67 -4.50 -13.69
C TRP B 182 -25.98 -5.24 -13.68
N GLN B 183 -27.03 -4.54 -13.22
CA GLN B 183 -28.39 -5.09 -13.18
C GLN B 183 -28.74 -5.65 -14.55
N GLN B 184 -28.54 -4.89 -15.62
CA GLN B 184 -28.71 -5.43 -16.97
C GLN B 184 -28.31 -6.94 -17.06
N GLY B 185 -27.13 -7.28 -16.55
CA GLY B 185 -26.69 -8.65 -16.56
C GLY B 185 -25.39 -8.73 -17.33
N ASN B 186 -25.09 -7.67 -18.09
CA ASN B 186 -23.77 -7.56 -18.74
C ASN B 186 -22.74 -8.32 -17.89
N VAL B 187 -21.92 -9.14 -18.52
CA VAL B 187 -20.98 -9.92 -17.74
C VAL B 187 -19.56 -9.29 -17.71
N PHE B 188 -19.03 -9.15 -16.50
CA PHE B 188 -17.74 -8.57 -16.26
C PHE B 188 -16.67 -9.59 -15.85
N SER B 189 -15.46 -9.44 -16.38
CA SER B 189 -14.39 -10.39 -16.10
C SER B 189 -13.12 -9.76 -15.56
N CYS B 190 -12.62 -10.43 -14.54
CA CYS B 190 -11.44 -10.04 -13.82
C CYS B 190 -10.24 -10.87 -14.29
N SER B 191 -9.31 -10.27 -15.03
CA SER B 191 -8.21 -11.02 -15.61
C SER B 191 -7.02 -10.92 -14.71
N VAL B 192 -6.46 -12.03 -14.27
CA VAL B 192 -5.30 -11.96 -13.39
C VAL B 192 -4.08 -12.49 -14.12
N MET B 193 -2.91 -11.86 -14.00
CA MET B 193 -1.69 -12.36 -14.72
C MET B 193 -0.53 -12.58 -13.77
N HIS B 194 -0.05 -13.82 -13.63
CA HIS B 194 0.97 -14.13 -12.62
C HIS B 194 1.85 -15.23 -13.08
N GLU B 195 3.08 -15.29 -12.59
CA GLU B 195 4.04 -16.30 -13.05
C GLU B 195 3.65 -17.72 -12.70
N ALA B 196 2.74 -17.90 -11.75
CA ALA B 196 2.41 -19.22 -11.24
C ALA B 196 1.10 -19.78 -11.78
N LEU B 197 0.56 -19.19 -12.81
CA LEU B 197 -0.66 -19.72 -13.40
C LEU B 197 -0.40 -20.59 -14.60
N HIS B 198 -1.22 -21.59 -14.79
CA HIS B 198 -1.15 -22.27 -16.06
C HIS B 198 -1.26 -21.21 -17.16
N ASN B 199 -0.18 -21.04 -17.90
CA ASN B 199 -0.15 -20.04 -18.96
C ASN B 199 -0.08 -18.60 -18.44
N HIS B 200 0.19 -18.45 -17.16
CA HIS B 200 0.26 -17.13 -16.55
C HIS B 200 -1.07 -16.41 -16.52
N TYR B 201 -2.07 -16.87 -17.25
CA TYR B 201 -3.27 -16.06 -17.34
C TYR B 201 -4.46 -16.79 -16.78
N THR B 202 -5.29 -16.05 -16.04
CA THR B 202 -6.59 -16.55 -15.59
C THR B 202 -7.64 -15.47 -15.51
N GLN B 203 -8.88 -15.84 -15.78
CA GLN B 203 -9.94 -14.87 -16.01
C GLN B 203 -11.21 -15.31 -15.34
N LYS B 204 -11.35 -14.96 -14.06
CA LYS B 204 -12.59 -15.19 -13.35
C LYS B 204 -13.64 -14.09 -13.62
N SER B 205 -14.82 -14.44 -14.07
CA SER B 205 -15.85 -13.43 -14.30
C SER B 205 -17.00 -13.52 -13.32
N LEU B 206 -17.94 -12.57 -13.41
CA LEU B 206 -19.13 -12.52 -12.56
C LEU B 206 -20.29 -11.69 -13.13
N SER B 207 -21.50 -12.02 -12.69
CA SER B 207 -22.68 -11.29 -13.12
C SER B 207 -23.81 -11.63 -12.18
N LEU B 208 -24.76 -12.44 -12.64
CA LEU B 208 -25.90 -12.82 -11.80
C LEU B 208 -26.32 -14.29 -11.94
N ASP C 3 -28.18 8.81 22.46
CA ASP C 3 -27.62 7.49 22.10
C ASP C 3 -26.08 7.39 21.80
N CYS C 4 -25.49 6.25 22.18
CA CYS C 4 -24.05 6.10 22.22
C CYS C 4 -23.53 4.89 21.49
N ALA C 5 -22.21 4.89 21.26
CA ALA C 5 -21.49 3.77 20.65
C ALA C 5 -20.33 3.23 21.50
N TYR C 6 -20.12 1.91 21.41
CA TYR C 6 -19.02 1.24 22.13
C TYR C 6 -18.18 0.24 21.32
N HIS C 7 -17.09 -0.21 21.91
CA HIS C 7 -16.19 -1.08 21.19
C HIS C 7 -15.33 -1.81 22.18
N ARG C 8 -15.54 -3.14 22.24
CA ARG C 8 -14.90 -4.02 23.23
C ARG C 8 -15.09 -3.50 24.67
N GLY C 9 -16.26 -2.91 24.95
CA GLY C 9 -16.40 -2.07 26.13
C GLY C 9 -15.94 -0.71 25.68
N GLU C 10 -15.01 -0.09 26.40
CA GLU C 10 -14.59 1.30 26.13
C GLU C 10 -15.65 2.17 25.36
N LEU C 11 -15.93 3.38 25.85
CA LEU C 11 -16.87 4.25 25.17
C LEU C 11 -16.19 4.85 23.95
N VAL C 12 -16.90 4.87 22.84
CA VAL C 12 -16.40 5.54 21.66
C VAL C 12 -16.84 7.00 21.64
N TRP C 13 -18.16 7.19 21.50
CA TRP C 13 -18.75 8.52 21.29
C TRP C 13 -20.28 8.57 21.46
N CYS C 14 -20.83 9.76 21.73
CA CYS C 14 -22.28 9.95 21.76
C CYS C 14 -22.74 11.20 20.98
N THR C 15 -24.05 11.26 20.70
CA THR C 15 -24.73 12.48 20.20
C THR C 15 -26.21 12.62 20.66
N HCS D 2 -3.44 -24.13 -30.45
CA HCS D 2 -3.47 -25.11 -29.37
CB HCS D 2 -2.35 -26.19 -29.40
CG HCS D 2 -2.53 -27.40 -28.49
SD HCS D 2 -1.01 -28.31 -28.25
C HCS D 2 -3.58 -24.34 -28.06
O HCS D 2 -4.09 -23.23 -27.91
N ASP D 3 -3.01 -25.02 -26.98
CA ASP D 3 -3.22 -24.74 -25.58
C ASP D 3 -2.57 -23.42 -25.06
N CYS D 4 -3.16 -22.28 -25.44
CA CYS D 4 -2.57 -20.97 -25.13
C CYS D 4 -3.49 -20.03 -24.38
N ALA D 5 -2.88 -19.03 -23.76
CA ALA D 5 -3.60 -17.89 -23.15
C ALA D 5 -3.39 -16.64 -23.99
N TYR D 6 -4.47 -15.88 -24.16
CA TYR D 6 -4.39 -14.56 -24.78
C TYR D 6 -5.06 -13.51 -23.88
N HIS D 7 -4.77 -12.24 -24.15
CA HIS D 7 -5.30 -11.12 -23.35
C HIS D 7 -5.51 -9.86 -24.19
N ARG D 8 -6.69 -9.77 -24.81
CA ARG D 8 -7.01 -8.60 -25.60
C ARG D 8 -6.25 -8.66 -26.89
N GLY D 9 -6.12 -9.89 -27.41
CA GLY D 9 -5.40 -10.15 -28.63
C GLY D 9 -3.93 -10.48 -28.44
N GLU D 10 -3.31 -10.02 -27.35
CA GLU D 10 -1.89 -10.27 -27.21
C GLU D 10 -1.62 -11.70 -26.69
N LEU D 11 -0.74 -12.46 -27.33
CA LEU D 11 -0.40 -13.77 -26.81
C LEU D 11 0.29 -13.68 -25.48
N VAL D 12 -0.15 -14.49 -24.52
CA VAL D 12 0.45 -14.49 -23.18
C VAL D 12 1.52 -15.55 -23.08
N TRP D 13 1.10 -16.79 -23.30
CA TRP D 13 1.95 -17.93 -23.04
C TRP D 13 1.28 -19.19 -23.55
N CYS D 14 2.02 -20.29 -23.48
CA CYS D 14 1.56 -21.62 -23.87
C CYS D 14 2.46 -22.59 -23.18
N THR D 15 1.89 -23.43 -22.33
CA THR D 15 2.69 -24.43 -21.66
C THR D 15 2.53 -25.76 -22.43
N HCS D 16 1.27 -26.32 -22.59
CA HCS D 16 1.04 -27.48 -23.48
CB HCS D 16 1.38 -27.31 -24.99
CG HCS D 16 0.11 -27.21 -25.80
SD HCS D 16 0.21 -27.63 -27.53
C HCS D 16 1.70 -28.82 -23.07
O HCS D 16 2.86 -28.84 -22.61
C1 NAG E . 20.73 7.30 14.79
C2 NAG E . 20.51 7.77 13.35
C3 NAG E . 19.13 8.42 13.22
C4 NAG E . 18.04 7.46 13.71
C5 NAG E . 18.41 7.21 15.16
C6 NAG E . 17.38 6.41 15.91
C7 NAG E . 22.57 8.24 12.20
C8 NAG E . 22.59 6.78 11.81
N2 NAG E . 21.54 8.64 12.94
O3 NAG E . 18.87 8.83 11.88
O4 NAG E . 16.73 8.01 13.66
O5 NAG E . 19.67 6.50 15.23
O6 NAG E . 16.78 5.45 15.06
O7 NAG E . 23.45 9.00 11.86
C1 NAG E . 16.00 7.70 12.50
C2 NAG E . 14.60 7.63 13.11
C3 NAG E . 13.55 7.45 12.03
C4 NAG E . 13.71 8.53 10.96
C5 NAG E . 15.15 8.53 10.46
C6 NAG E . 15.40 9.61 9.44
C7 NAG E . 13.84 6.71 15.25
C8 NAG E . 13.86 5.54 16.17
N2 NAG E . 14.51 6.56 14.10
O3 NAG E . 12.26 7.57 12.62
O4 NAG E . 12.88 8.29 9.84
O5 NAG E . 16.04 8.74 11.55
O6 NAG E . 16.74 10.04 9.50
O7 NAG E . 13.24 7.74 15.54
C1 BMA E . 11.64 8.91 9.88
C2 BMA E . 11.39 9.46 8.45
C3 BMA E . 9.87 9.61 8.14
C4 BMA E . 8.96 8.61 8.81
C5 BMA E . 9.35 8.22 10.25
C6 BMA E . 8.54 7.03 10.68
O2 BMA E . 11.97 8.64 7.46
O3 BMA E . 9.60 9.43 6.77
O4 BMA E . 7.66 9.17 8.82
O5 BMA E . 10.73 7.86 10.26
O6 BMA E . 9.00 6.51 11.90
C1 MAN E . 9.79 10.60 5.95
C2 MAN E . 8.93 10.07 4.75
C3 MAN E . 9.85 9.28 3.86
C4 MAN E . 10.86 10.28 3.32
C5 MAN E . 11.65 10.86 4.49
C6 MAN E . 12.50 11.93 4.11
O2 MAN E . 8.50 11.17 3.89
O3 MAN E . 9.17 8.57 2.82
O4 MAN E . 11.75 9.63 2.50
O5 MAN E . 10.81 11.46 5.48
O6 MAN E . 12.97 12.38 5.35
C1 NAG E . 7.05 11.53 3.99
C2 NAG E . 6.81 13.04 3.70
C3 NAG E . 5.43 13.48 4.22
C4 NAG E . 4.32 12.54 3.71
C5 NAG E . 4.65 11.09 4.06
C6 NAG E . 3.62 10.10 3.55
C7 NAG E . 9.09 14.03 3.79
C8 NAG E . 9.36 13.44 2.44
N2 NAG E . 7.88 13.84 4.33
O3 NAG E . 5.13 14.82 3.86
O4 NAG E . 3.06 12.90 4.27
O5 NAG E . 5.92 10.74 3.48
O6 NAG E . 4.19 8.82 3.31
O7 NAG E . 9.95 14.70 4.39
C1 MAN E . 8.09 5.87 12.63
C2 MAN E . 8.59 6.26 14.02
C3 MAN E . 9.97 5.70 14.36
C4 MAN E . 10.14 4.24 13.84
C5 MAN E . 9.82 4.24 12.35
C6 MAN E . 9.94 2.88 11.71
O2 MAN E . 7.63 5.85 15.02
O3 MAN E . 10.20 5.79 15.74
O4 MAN E . 11.47 3.69 14.06
O5 MAN E . 8.43 4.62 12.20
O6 MAN E . 8.97 2.83 10.63
C1 NAG E . 6.38 6.67 15.10
C2 NAG E . 5.36 5.55 15.25
C3 NAG E . 3.99 6.13 15.58
C4 NAG E . 4.09 6.98 16.84
C5 NAG E . 5.13 8.07 16.63
C6 NAG E . 5.38 8.87 17.88
C7 NAG E . 5.85 3.49 14.06
C8 NAG E . 6.48 3.02 15.35
N2 NAG E . 5.33 4.72 14.06
O3 NAG E . 3.04 5.08 15.76
O4 NAG E . 2.84 7.55 17.20
O5 NAG E . 6.40 7.49 16.29
O6 NAG E . 6.56 8.39 18.51
O7 NAG E . 5.82 2.79 13.05
C1 FUC E . 17.15 4.18 15.28
C2 FUC E . 16.31 3.19 14.69
C3 FUC E . 17.20 2.35 13.82
C4 FUC E . 18.06 1.60 14.82
C5 FUC E . 19.14 2.51 15.14
C6 FUC E . 19.62 2.34 16.58
O2 FUC E . 15.34 3.89 13.94
O3 FUC E . 16.42 1.48 13.04
O4 FUC E . 17.32 1.48 16.07
O5 FUC E . 18.63 3.88 15.06
C1 NAG F . 18.43 15.72 -10.26
C2 NAG F . 18.61 15.22 -8.85
C3 NAG F . 18.59 13.73 -8.88
C4 NAG F . 17.22 13.25 -9.34
C5 NAG F . 16.92 13.79 -10.74
C6 NAG F . 15.45 13.60 -11.10
C7 NAG F . 19.82 16.66 -7.25
C8 NAG F . 18.50 17.25 -6.88
N2 NAG F . 19.81 15.71 -8.22
O3 NAG F . 18.92 13.25 -7.58
O4 NAG F . 17.17 11.83 -9.42
O5 NAG F . 17.17 15.21 -10.83
O6 NAG F . 14.74 14.74 -10.65
O7 NAG F . 20.86 17.04 -6.74
C1 NAG F . 16.32 11.24 -8.52
C2 NAG F . 15.64 10.05 -9.22
C3 NAG F . 14.98 9.15 -8.20
C4 NAG F . 15.90 8.82 -7.04
C5 NAG F . 16.51 10.08 -6.45
C6 NAG F . 17.50 9.79 -5.36
C7 NAG F . 14.62 10.26 -11.47
C8 NAG F . 13.47 10.83 -12.23
N2 NAG F . 14.65 10.52 -10.16
O3 NAG F . 14.69 7.95 -8.88
O4 NAG F . 15.11 8.20 -6.02
O5 NAG F . 17.20 10.77 -7.49
O6 NAG F . 18.61 10.67 -5.44
O7 NAG F . 15.51 9.63 -12.03
C1 BMA F . 15.04 6.82 -6.09
C2 BMA F . 15.30 6.18 -4.66
C3 BMA F . 14.84 4.70 -4.55
C4 BMA F . 13.59 4.40 -5.34
C5 BMA F . 13.60 5.06 -6.71
C6 BMA F . 12.33 4.85 -7.44
O2 BMA F . 14.64 6.88 -3.63
O3 BMA F . 14.62 4.33 -3.21
O4 BMA F . 13.60 3.02 -5.57
O5 BMA F . 13.77 6.47 -6.58
O6 BMA F . 12.30 5.70 -8.55
C1 MAN F . 15.51 3.43 -2.72
C2 MAN F . 15.12 2.69 -1.49
C3 MAN F . 15.17 3.67 -0.30
C4 MAN F . 16.55 4.34 -0.21
C5 MAN F . 16.82 5.03 -1.49
C6 MAN F . 18.20 5.67 -1.52
O2 MAN F . 16.12 1.68 -1.23
O3 MAN F . 14.84 3.03 0.91
O4 MAN F . 16.59 5.34 0.77
O5 MAN F . 16.75 4.04 -2.53
O6 MAN F . 18.14 6.91 -2.29
C1 NAG F . 15.79 0.36 -1.75
C2 NAG F . 17.01 -0.44 -1.30
C3 NAG F . 16.68 -1.95 -1.20
C4 NAG F . 15.68 -2.41 -2.27
C5 NAG F . 14.40 -1.56 -2.25
C6 NAG F . 13.20 -2.29 -1.72
C7 NAG F . 19.09 0.72 -1.99
C8 NAG F . 18.94 1.58 -0.76
N2 NAG F . 18.15 -0.21 -2.19
O3 NAG F . 16.16 -2.29 0.09
O4 NAG F . 16.28 -2.41 -3.56
O5 NAG F . 14.58 -0.39 -1.44
O6 NAG F . 12.83 -1.84 -0.42
O7 NAG F . 20.03 0.88 -2.77
C1 MAN F . 11.31 5.46 -9.44
C2 MAN F . 11.60 5.69 -10.92
C3 MAN F . 11.72 7.18 -11.15
C4 MAN F . 10.57 8.03 -10.51
C5 MAN F . 10.24 7.62 -9.05
C6 MAN F . 8.88 8.18 -8.60
O2 MAN F . 10.55 5.26 -11.84
O3 MAN F . 11.77 7.43 -12.50
O4 MAN F . 10.93 9.43 -10.55
O5 MAN F . 10.20 6.18 -8.95
O6 MAN F . 8.72 7.97 -7.21
C1 NAG F . 10.50 3.82 -12.10
C2 NAG F . 9.03 3.48 -12.48
C3 NAG F . 8.93 2.07 -13.08
C4 NAG F . 9.93 1.90 -14.21
C5 NAG F . 11.31 2.13 -13.63
C6 NAG F . 12.41 1.86 -14.62
C7 NAG F . 7.31 4.60 -11.17
C8 NAG F . 7.28 5.63 -12.27
N2 NAG F . 8.17 3.60 -11.32
O3 NAG F . 7.60 1.81 -13.49
O4 NAG F . 9.91 0.61 -14.82
O5 NAG F . 11.40 3.51 -13.22
O6 NAG F . 12.66 3.02 -15.40
O7 NAG F . 6.57 4.68 -10.18
C1 FUC F . 13.39 14.52 -10.40
C2 FUC F . 13.00 14.46 -8.84
C3 FUC F . 12.99 15.92 -8.13
C4 FUC F . 12.35 17.06 -9.04
C5 FUC F . 12.67 16.83 -10.56
C6 FUC F . 11.79 17.65 -11.47
O2 FUC F . 13.77 13.48 -8.10
O3 FUC F . 12.37 15.97 -6.78
O4 FUC F . 10.93 17.22 -8.78
O5 FUC F . 12.52 15.43 -11.00
CL CL G . 14.30 19.03 8.87
#